data_4WZV
#
_entry.id   4WZV
#
_cell.length_a   39.950
_cell.length_b   97.390
_cell.length_c   45.670
_cell.angle_alpha   90.00
_cell.angle_beta   112.72
_cell.angle_gamma   90.00
#
_symmetry.space_group_name_H-M   'P 1 21 1'
#
loop_
_entity.id
_entity.type
_entity.pdbx_description
1 polymer 'Matrix metalloproteinase-9,Matrix metalloproteinase-9'
2 non-polymer "(2R)-4-(1,3-dioxo-1,3-dihydro-2H-isoindol-2-yl)-N-hydroxy-2-{[(4'-methoxybiphenyl-4-yl)sulfonyl](propan-2-yloxy)amino}butanamide"
3 non-polymer 'ZINC ION'
4 non-polymer 'CALCIUM ION'
5 non-polymer 1,2-ETHANEDIOL
6 non-polymer S-1,2-PROPANEDIOL
7 non-polymer DI(HYDROXYETHYL)ETHER
8 non-polymer 'AZIDE ION'
9 non-polymer 'SODIUM ION'
10 non-polymer GLYCEROL
11 water water
#
_entity_poly.entity_id   1
_entity_poly.type   'polypeptide(L)'
_entity_poly.pdbx_seq_one_letter_code
;FEGDLKWHHHNITYWIQNYSEDLPRAVIDDAFARAFALWSAVTPLTFTRVYSRDADIVIQFGVAEHGDGYPFDGKDGLLA
HAFPPGPGIQGDAHFDDDELWSLGKGVGYSLFLVAAHEFGHALGLDHSSVPEALMYPMYRFTEGPPLHKDDVNGIRHLYG
;
_entity_poly.pdbx_strand_id   A,B
#
loop_
_chem_comp.id
_chem_comp.type
_chem_comp.name
_chem_comp.formula
AZI non-polymer 'AZIDE ION' 'N3 -1'
CA non-polymer 'CALCIUM ION' 'Ca 2'
E40 non-polymer (2R)-4-(1,3-dioxo-1,3-dihydro-2H-isoindol-2-yl)-N-hydroxy-2-{[(4'-methoxybiphenyl-4-yl)sulfonyl](propan-2-yloxy)amino}butanamide 'C28 H29 N3 O8 S'
EDO non-polymer 1,2-ETHANEDIOL 'C2 H6 O2'
GOL non-polymer GLYCEROL 'C3 H8 O3'
NA non-polymer 'SODIUM ION' 'Na 1'
PEG non-polymer DI(HYDROXYETHYL)ETHER 'C4 H10 O3'
PGO non-polymer S-1,2-PROPANEDIOL 'C3 H8 O2'
ZN non-polymer 'ZINC ION' 'Zn 2'
#
# COMPACT_ATOMS: atom_id res chain seq x y z
N GLY A 3 -6.35 -19.02 -13.95
CA GLY A 3 -5.83 -17.67 -13.87
C GLY A 3 -4.31 -17.68 -13.81
N ASP A 4 -3.78 -17.16 -12.71
CA ASP A 4 -2.36 -17.26 -12.40
C ASP A 4 -1.47 -16.82 -13.56
N LEU A 5 -1.38 -15.53 -13.81
CA LEU A 5 -0.48 -15.04 -14.84
C LEU A 5 0.94 -15.41 -14.46
N LYS A 6 1.66 -16.02 -15.41
CA LYS A 6 3.03 -16.47 -15.19
C LYS A 6 3.76 -16.54 -16.51
N TRP A 7 5.09 -16.47 -16.47
CA TRP A 7 5.89 -16.68 -17.68
C TRP A 7 5.76 -18.13 -18.11
N HIS A 8 5.69 -18.35 -19.41
CA HIS A 8 5.61 -19.72 -19.94
C HIS A 8 6.86 -20.09 -20.73
N HIS A 9 7.97 -19.51 -20.30
CA HIS A 9 9.29 -19.97 -20.70
C HIS A 9 10.23 -19.73 -19.51
N HIS A 10 11.40 -20.34 -19.53
CA HIS A 10 12.27 -20.37 -18.34
C HIS A 10 13.42 -19.38 -18.44
N ASN A 11 13.89 -19.15 -19.65
CA ASN A 11 15.00 -18.21 -19.86
C ASN A 11 14.48 -16.80 -20.04
N ILE A 12 14.34 -16.08 -18.92
CA ILE A 12 13.77 -14.75 -18.97
C ILE A 12 14.86 -13.75 -19.30
N THR A 13 14.60 -12.90 -20.29
CA THR A 13 15.59 -11.89 -20.62
C THR A 13 15.19 -10.51 -20.11
N TYR A 14 16.19 -9.69 -19.83
CA TYR A 14 15.93 -8.32 -19.43
C TYR A 14 16.85 -7.29 -20.05
N TRP A 15 16.29 -6.10 -20.26
CA TRP A 15 16.98 -4.99 -20.89
C TRP A 15 16.87 -3.76 -19.99
N ILE A 16 18.01 -3.20 -19.58
CA ILE A 16 18.00 -1.93 -18.88
C ILE A 16 18.02 -0.82 -19.93
N GLN A 17 16.85 -0.26 -20.19
CA GLN A 17 16.65 0.67 -21.30
C GLN A 17 17.31 2.02 -21.06
N ASN A 18 17.36 2.43 -19.80
CA ASN A 18 17.97 3.70 -19.49
C ASN A 18 18.36 3.76 -18.03
N TYR A 19 19.00 4.86 -17.64
CA TYR A 19 19.57 4.95 -16.31
C TYR A 19 19.14 6.21 -15.53
N SER A 20 19.12 6.07 -14.22
CA SER A 20 19.10 7.23 -13.34
C SER A 20 20.53 7.67 -13.09
N GLU A 21 20.70 8.96 -12.81
CA GLU A 21 22.00 9.52 -12.48
C GLU A 21 22.27 9.53 -10.97
N ASP A 22 21.33 9.00 -10.20
CA ASP A 22 21.44 8.96 -8.73
C ASP A 22 22.55 8.03 -8.27
N LEU A 23 22.94 7.09 -9.13
CA LEU A 23 23.92 6.06 -8.80
C LEU A 23 24.77 5.71 -10.02
N PRO A 24 26.01 5.23 -9.78
CA PRO A 24 26.86 4.80 -10.89
C PRO A 24 26.15 3.74 -11.75
N ARG A 25 26.44 3.72 -13.05
CA ARG A 25 25.82 2.76 -13.95
C ARG A 25 26.01 1.34 -13.41
N ALA A 26 27.22 1.04 -12.93
CA ALA A 26 27.55 -0.29 -12.46
C ALA A 26 26.77 -0.68 -11.20
N VAL A 27 26.48 0.30 -10.35
CA VAL A 27 25.78 0.05 -9.10
C VAL A 27 24.32 -0.28 -9.40
N ILE A 28 23.75 0.44 -10.36
CA ILE A 28 22.40 0.17 -10.84
C ILE A 28 22.31 -1.22 -11.46
N ASP A 29 23.26 -1.56 -12.33
CA ASP A 29 23.26 -2.90 -12.95
C ASP A 29 23.26 -4.00 -11.89
N ASP A 30 24.13 -3.84 -10.91
CA ASP A 30 24.29 -4.84 -9.86
C ASP A 30 23.06 -4.92 -8.93
N ALA A 31 22.42 -3.80 -8.65
CA ALA A 31 21.22 -3.86 -7.80
C ALA A 31 20.14 -4.67 -8.49
N PHE A 32 20.00 -4.47 -9.80
CA PHE A 32 19.02 -5.21 -10.58
C PHE A 32 19.44 -6.67 -10.63
N ALA A 33 20.74 -6.91 -10.84
CA ALA A 33 21.22 -8.28 -10.90
C ALA A 33 20.96 -8.99 -9.59
N ARG A 34 21.17 -8.31 -8.47
CA ARG A 34 20.95 -8.94 -7.18
C ARG A 34 19.48 -9.26 -6.94
N ALA A 35 18.62 -8.33 -7.34
CA ALA A 35 17.20 -8.50 -7.15
C ALA A 35 16.67 -9.71 -7.95
N PHE A 36 17.20 -9.91 -9.16
CA PHE A 36 16.85 -11.10 -9.97
C PHE A 36 17.40 -12.35 -9.32
N ALA A 37 18.62 -12.24 -8.79
CA ALA A 37 19.25 -13.38 -8.11
C ALA A 37 18.34 -13.88 -7.01
N LEU A 38 17.67 -12.98 -6.31
CA LEU A 38 16.70 -13.39 -5.30
C LEU A 38 15.69 -14.38 -5.81
N TRP A 39 15.09 -14.04 -6.94
CA TRP A 39 14.00 -14.85 -7.48
C TRP A 39 14.51 -16.07 -8.24
N SER A 40 15.70 -15.99 -8.82
N SER A 40 15.69 -15.96 -8.83
CA SER A 40 16.19 -17.13 -9.59
CA SER A 40 16.28 -17.08 -9.55
C SER A 40 16.54 -18.32 -8.69
C SER A 40 16.37 -18.30 -8.64
N ALA A 41 16.83 -18.07 -7.42
CA ALA A 41 17.12 -19.15 -6.48
C ALA A 41 15.90 -20.00 -6.13
N VAL A 42 14.70 -19.40 -6.20
CA VAL A 42 13.49 -20.07 -5.70
C VAL A 42 12.47 -20.37 -6.79
N THR A 43 12.89 -20.20 -8.04
CA THR A 43 12.09 -20.52 -9.21
C THR A 43 12.91 -21.35 -10.20
N PRO A 44 12.22 -21.90 -11.22
CA PRO A 44 12.96 -22.54 -12.32
C PRO A 44 13.37 -21.55 -13.40
N LEU A 45 13.41 -20.26 -13.07
CA LEU A 45 13.69 -19.24 -14.06
C LEU A 45 15.15 -18.81 -14.01
N THR A 46 15.70 -18.51 -15.19
CA THR A 46 16.99 -17.81 -15.21
C THR A 46 16.76 -16.42 -15.75
N PHE A 47 17.65 -15.50 -15.40
CA PHE A 47 17.52 -14.12 -15.84
C PHE A 47 18.78 -13.63 -16.53
N THR A 48 18.67 -13.39 -17.83
CA THR A 48 19.81 -12.99 -18.65
C THR A 48 19.68 -11.55 -19.14
N ARG A 49 20.70 -10.74 -18.87
CA ARG A 49 20.69 -9.36 -19.36
C ARG A 49 20.93 -9.34 -20.86
N VAL A 50 20.08 -8.62 -21.60
CA VAL A 50 20.30 -8.45 -23.03
C VAL A 50 20.19 -6.98 -23.42
N TYR A 51 20.49 -6.72 -24.68
CA TYR A 51 20.48 -5.37 -25.20
C TYR A 51 19.55 -5.39 -26.40
N SER A 52 18.25 -5.43 -26.12
CA SER A 52 17.26 -5.68 -27.13
C SER A 52 15.88 -5.24 -26.66
N ARG A 53 15.12 -4.59 -27.53
CA ARG A 53 13.78 -4.17 -27.19
C ARG A 53 12.82 -5.36 -27.16
N ASP A 54 13.32 -6.55 -27.48
CA ASP A 54 12.50 -7.76 -27.43
C ASP A 54 12.63 -8.48 -26.09
N ALA A 55 13.32 -7.88 -25.13
CA ALA A 55 13.48 -8.54 -23.83
C ALA A 55 12.14 -8.67 -23.10
N ASP A 56 12.05 -9.69 -22.26
CA ASP A 56 10.82 -9.97 -21.52
C ASP A 56 10.55 -8.82 -20.55
N ILE A 57 11.54 -8.54 -19.73
CA ILE A 57 11.45 -7.49 -18.71
C ILE A 57 12.32 -6.32 -19.14
N VAL A 58 11.65 -5.27 -19.60
CA VAL A 58 12.29 -4.00 -19.90
C VAL A 58 12.18 -3.10 -18.67
N ILE A 59 13.34 -2.57 -18.28
CA ILE A 59 13.50 -1.76 -17.09
C ILE A 59 13.70 -0.33 -17.52
N GLN A 60 12.98 0.59 -16.90
CA GLN A 60 13.01 1.98 -17.31
C GLN A 60 12.95 2.90 -16.08
N PHE A 61 13.76 3.96 -16.10
CA PHE A 61 13.62 5.08 -15.18
C PHE A 61 12.85 6.17 -15.91
N GLY A 62 11.83 6.72 -15.26
CA GLY A 62 10.97 7.68 -15.90
C GLY A 62 10.38 8.64 -14.90
N VAL A 63 9.83 9.75 -15.41
CA VAL A 63 9.15 10.73 -14.59
C VAL A 63 7.83 11.12 -15.26
N ALA A 64 6.83 11.48 -14.45
CA ALA A 64 5.52 11.90 -14.96
C ALA A 64 5.03 10.91 -16.01
N GLU A 65 4.47 11.41 -17.12
CA GLU A 65 4.15 10.53 -18.24
C GLU A 65 5.42 10.17 -18.95
N HIS A 66 5.70 8.87 -18.93
CA HIS A 66 6.94 8.33 -19.46
C HIS A 66 6.64 7.33 -20.57
N GLY A 67 5.41 7.33 -21.05
CA GLY A 67 5.07 6.57 -22.25
C GLY A 67 4.12 5.39 -22.17
N ASP A 68 3.61 5.06 -20.98
CA ASP A 68 2.70 3.91 -20.89
C ASP A 68 1.30 4.30 -20.43
N GLY A 69 1.05 5.61 -20.36
CA GLY A 69 -0.24 6.10 -19.95
C GLY A 69 -0.49 5.99 -18.46
N TYR A 70 0.46 5.43 -17.71
CA TYR A 70 0.39 5.39 -16.25
C TYR A 70 1.49 6.27 -15.66
N PRO A 71 1.25 7.58 -15.58
CA PRO A 71 2.30 8.52 -15.17
C PRO A 71 2.69 8.42 -13.70
N PHE A 72 3.96 8.66 -13.44
CA PHE A 72 4.47 8.86 -12.09
C PHE A 72 4.09 10.28 -11.60
N ASP A 73 4.37 10.57 -10.33
CA ASP A 73 3.68 11.66 -9.65
C ASP A 73 4.62 12.61 -8.91
N GLY A 74 5.87 12.68 -9.37
CA GLY A 74 6.86 13.53 -8.73
C GLY A 74 7.39 12.89 -7.47
N LYS A 75 8.08 13.68 -6.65
CA LYS A 75 8.65 13.16 -5.42
C LYS A 75 7.53 12.74 -4.46
N ASP A 76 7.72 11.57 -3.85
CA ASP A 76 6.77 10.91 -2.96
C ASP A 76 5.66 10.19 -3.73
N GLY A 77 4.67 9.69 -3.00
CA GLY A 77 3.66 8.88 -3.62
C GLY A 77 4.27 7.64 -4.23
N LEU A 78 4.04 7.46 -5.53
CA LEU A 78 4.50 6.28 -6.22
C LEU A 78 6.02 6.21 -6.25
N LEU A 79 6.55 5.00 -6.11
CA LEU A 79 8.00 4.75 -6.22
C LEU A 79 8.38 4.08 -7.54
N ALA A 80 7.54 3.15 -7.99
CA ALA A 80 7.87 2.25 -9.07
C ALA A 80 6.61 1.48 -9.39
N HIS A 81 6.48 0.99 -10.62
CA HIS A 81 5.41 0.03 -10.88
C HIS A 81 5.87 -0.99 -11.93
N ALA A 82 5.21 -2.15 -11.93
CA ALA A 82 5.55 -3.26 -12.83
C ALA A 82 4.30 -4.01 -13.27
N PHE A 83 4.38 -4.65 -14.43
CA PHE A 83 3.25 -5.35 -15.04
C PHE A 83 3.49 -6.86 -14.98
N PRO A 84 2.44 -7.66 -14.69
CA PRO A 84 2.54 -9.12 -14.58
C PRO A 84 2.91 -9.74 -15.93
N PRO A 85 3.34 -11.01 -15.94
CA PRO A 85 3.88 -11.65 -17.15
C PRO A 85 2.98 -11.56 -18.36
N GLY A 86 3.60 -11.53 -19.53
CA GLY A 86 2.88 -11.49 -20.77
C GLY A 86 3.66 -10.64 -21.75
N PRO A 87 3.03 -10.32 -22.88
CA PRO A 87 3.70 -9.65 -24.00
C PRO A 87 3.80 -8.14 -23.85
N GLY A 88 4.85 -7.58 -24.44
CA GLY A 88 4.98 -6.14 -24.61
C GLY A 88 5.26 -5.42 -23.29
N ILE A 89 4.38 -4.49 -22.95
CA ILE A 89 4.45 -3.79 -21.68
C ILE A 89 4.36 -4.77 -20.49
N GLN A 90 3.70 -5.89 -20.71
CA GLN A 90 3.57 -6.88 -19.64
C GLN A 90 4.97 -7.36 -19.25
N GLY A 91 5.22 -7.47 -17.95
CA GLY A 91 6.51 -7.94 -17.47
C GLY A 91 7.53 -6.84 -17.23
N ASP A 92 7.22 -5.64 -17.67
CA ASP A 92 8.19 -4.55 -17.60
C ASP A 92 8.15 -3.87 -16.22
N ALA A 93 9.25 -3.21 -15.86
CA ALA A 93 9.39 -2.58 -14.55
C ALA A 93 9.89 -1.16 -14.67
N HIS A 94 9.11 -0.21 -14.16
CA HIS A 94 9.44 1.21 -14.25
C HIS A 94 9.71 1.80 -12.87
N PHE A 95 10.68 2.70 -12.80
CA PHE A 95 11.08 3.30 -11.55
C PHE A 95 10.95 4.80 -11.68
N ASP A 96 10.39 5.45 -10.65
CA ASP A 96 10.11 6.89 -10.68
C ASP A 96 11.37 7.68 -10.35
N ASP A 97 11.96 8.33 -11.35
CA ASP A 97 13.24 8.98 -11.13
C ASP A 97 13.09 10.35 -10.48
N ASP A 98 11.87 10.73 -10.13
CA ASP A 98 11.68 11.88 -9.26
C ASP A 98 11.89 11.48 -7.80
N GLU A 99 12.12 10.18 -7.57
CA GLU A 99 12.56 9.69 -6.27
C GLU A 99 14.07 9.70 -6.21
N LEU A 100 14.62 9.79 -5.00
CA LEU A 100 16.05 9.61 -4.80
C LEU A 100 16.35 8.12 -4.69
N TRP A 101 17.13 7.60 -5.63
CA TRP A 101 17.51 6.20 -5.59
C TRP A 101 18.87 6.01 -4.95
N SER A 102 18.95 5.05 -4.03
CA SER A 102 20.15 4.83 -3.25
C SER A 102 20.29 3.34 -2.91
N LEU A 103 21.20 3.03 -1.98
CA LEU A 103 21.33 1.65 -1.51
C LEU A 103 21.45 1.53 0.00
N GLY A 104 22.24 2.43 0.59
CA GLY A 104 22.52 2.33 2.02
C GLY A 104 21.42 2.81 2.94
N LYS A 105 21.59 2.58 4.23
CA LYS A 105 20.69 3.13 5.19
C LYS A 105 20.85 4.63 5.08
N GLY A 106 19.75 5.35 5.27
CA GLY A 106 19.74 6.76 5.05
C GLY A 106 18.61 7.26 4.19
N VAL A 107 18.93 8.21 3.33
CA VAL A 107 17.94 8.93 2.56
C VAL A 107 17.86 8.32 1.16
N GLY A 108 16.68 8.41 0.56
CA GLY A 108 16.40 7.79 -0.71
C GLY A 108 15.89 6.39 -0.50
N TYR A 109 15.48 5.77 -1.59
CA TYR A 109 14.92 4.43 -1.55
C TYR A 109 15.94 3.44 -2.08
N SER A 110 16.08 2.31 -1.40
CA SER A 110 16.95 1.25 -1.90
C SER A 110 16.45 0.76 -3.25
N LEU A 111 17.25 0.98 -4.29
CA LEU A 111 16.96 0.47 -5.61
C LEU A 111 16.86 -1.04 -5.59
N PHE A 112 17.77 -1.70 -4.87
CA PHE A 112 17.75 -3.14 -4.75
C PHE A 112 16.42 -3.63 -4.21
N LEU A 113 15.99 -3.08 -3.07
CA LEU A 113 14.77 -3.58 -2.42
C LEU A 113 13.52 -3.28 -3.26
N VAL A 114 13.44 -2.07 -3.81
CA VAL A 114 12.30 -1.69 -4.62
C VAL A 114 12.27 -2.54 -5.89
N ALA A 115 13.44 -2.73 -6.52
CA ALA A 115 13.54 -3.64 -7.65
C ALA A 115 13.14 -5.08 -7.31
N ALA A 116 13.51 -5.59 -6.14
CA ALA A 116 13.12 -6.97 -5.81
C ALA A 116 11.59 -7.12 -5.70
N HIS A 117 10.94 -6.13 -5.08
CA HIS A 117 9.48 -6.06 -5.02
C HIS A 117 8.89 -5.96 -6.42
N GLU A 118 9.40 -5.06 -7.27
CA GLU A 118 8.86 -4.91 -8.62
C GLU A 118 9.00 -6.19 -9.45
N PHE A 119 10.14 -6.86 -9.32
CA PHE A 119 10.40 -8.05 -10.11
C PHE A 119 9.48 -9.18 -9.68
N GLY A 120 9.08 -9.14 -8.41
CA GLY A 120 8.04 -10.03 -7.90
C GLY A 120 6.75 -9.87 -8.72
N HIS A 121 6.30 -8.63 -8.91
CA HIS A 121 5.15 -8.34 -9.76
C HIS A 121 5.35 -8.80 -11.18
N ALA A 122 6.56 -8.61 -11.68
CA ALA A 122 6.88 -8.93 -13.05
C ALA A 122 6.93 -10.43 -13.30
N LEU A 123 6.97 -11.21 -12.22
CA LEU A 123 6.89 -12.68 -12.27
C LEU A 123 5.47 -13.19 -12.03
N GLY A 124 4.60 -12.30 -11.56
CA GLY A 124 3.20 -12.63 -11.36
C GLY A 124 2.62 -12.47 -9.98
N LEU A 125 3.41 -12.02 -9.01
CA LEU A 125 2.90 -11.85 -7.65
C LEU A 125 2.13 -10.55 -7.47
N ASP A 126 0.97 -10.65 -6.81
CA ASP A 126 0.25 -9.44 -6.39
C ASP A 126 0.79 -9.05 -5.01
N HIS A 127 0.25 -7.98 -4.44
CA HIS A 127 0.65 -7.61 -3.10
C HIS A 127 0.19 -8.63 -2.06
N SER A 128 1.04 -8.85 -1.06
CA SER A 128 0.77 -9.77 0.04
C SER A 128 0.01 -9.07 1.16
N SER A 129 -0.65 -9.86 2.03
CA SER A 129 -1.26 -9.29 3.24
C SER A 129 -0.38 -9.48 4.49
N VAL A 130 0.77 -10.11 4.29
CA VAL A 130 1.70 -10.40 5.38
C VAL A 130 2.72 -9.27 5.52
N PRO A 131 2.66 -8.49 6.61
CA PRO A 131 3.44 -7.27 6.79
C PRO A 131 4.94 -7.39 6.58
N GLU A 132 5.52 -8.53 6.91
CA GLU A 132 6.96 -8.62 6.82
C GLU A 132 7.34 -9.00 5.38
N ALA A 133 6.38 -8.92 4.46
CA ALA A 133 6.62 -9.68 3.21
C ALA A 133 7.23 -8.74 2.22
N LEU A 134 8.09 -9.25 1.34
CA LEU A 134 8.69 -8.42 0.31
C LEU A 134 7.57 -7.79 -0.53
N MET A 135 6.52 -8.57 -0.74
CA MET A 135 5.41 -8.15 -1.59
C MET A 135 4.35 -7.37 -0.81
N TYR A 136 4.54 -7.19 0.49
CA TYR A 136 3.69 -6.26 1.24
C TYR A 136 3.87 -4.86 0.65
N PRO A 137 2.77 -4.12 0.43
CA PRO A 137 2.80 -2.83 -0.28
C PRO A 137 3.28 -1.66 0.60
N MET A 138 4.37 -1.89 1.31
N MET A 138 4.36 -1.87 1.32
CA MET A 138 4.98 -0.88 2.15
CA MET A 138 4.94 -0.78 2.08
C MET A 138 6.47 -0.96 2.01
C MET A 138 6.44 -0.90 2.08
N TYR A 139 7.08 0.12 1.52
CA TYR A 139 8.53 0.19 1.49
C TYR A 139 9.07 0.30 2.89
N ARG A 140 10.05 -0.52 3.22
CA ARG A 140 10.80 -0.30 4.43
C ARG A 140 12.23 -0.72 4.19
N PHE A 141 13.19 0.07 4.63
CA PHE A 141 14.57 -0.30 4.40
C PHE A 141 14.96 -1.41 5.37
N THR A 142 15.67 -2.40 4.85
N THR A 142 15.72 -2.38 4.89
CA THR A 142 16.21 -3.45 5.70
CA THR A 142 16.14 -3.47 5.76
C THR A 142 17.60 -3.89 5.25
C THR A 142 17.45 -4.11 5.27
N GLU A 143 18.31 -4.49 6.19
N GLU A 143 18.32 -4.48 6.21
N GLU A 143 18.51 -4.35 6.05
CA GLU A 143 19.60 -5.11 5.94
CA GLU A 143 19.58 -5.14 5.86
CA GLU A 143 19.71 -5.18 5.92
C GLU A 143 19.43 -6.63 5.97
C GLU A 143 19.39 -6.65 5.88
C GLU A 143 19.39 -6.67 5.85
N GLY A 144 18.23 -7.08 6.36
CA GLY A 144 17.91 -8.48 6.45
C GLY A 144 17.55 -9.09 5.10
N PRO A 145 17.56 -10.43 5.04
CA PRO A 145 17.12 -11.17 3.85
C PRO A 145 15.69 -10.77 3.47
N PRO A 146 15.47 -10.36 2.22
CA PRO A 146 14.16 -9.80 1.85
C PRO A 146 13.01 -10.80 1.72
N LEU A 147 13.31 -12.03 1.31
CA LEU A 147 12.24 -12.96 1.00
C LEU A 147 11.65 -13.48 2.31
N HIS A 148 10.33 -13.55 2.34
CA HIS A 148 9.55 -14.09 3.45
C HIS A 148 8.89 -15.37 2.95
N LYS A 149 8.52 -16.25 3.86
N LYS A 149 8.51 -16.25 3.86
CA LYS A 149 7.78 -17.48 3.52
CA LYS A 149 7.76 -17.46 3.54
C LYS A 149 6.63 -17.24 2.54
C LYS A 149 6.65 -17.23 2.54
N ASP A 150 5.88 -16.16 2.77
CA ASP A 150 4.72 -15.86 1.97
C ASP A 150 5.12 -15.55 0.53
N ASP A 151 6.24 -14.89 0.36
CA ASP A 151 6.75 -14.60 -0.99
C ASP A 151 7.12 -15.87 -1.73
N VAL A 152 7.77 -16.78 -1.01
CA VAL A 152 8.22 -18.04 -1.58
C VAL A 152 7.04 -18.97 -1.82
N ASN A 153 6.10 -18.99 -0.87
CA ASN A 153 4.84 -19.69 -1.07
C ASN A 153 4.15 -19.23 -2.34
N GLY A 154 4.10 -17.91 -2.51
CA GLY A 154 3.44 -17.28 -3.63
C GLY A 154 4.11 -17.63 -4.95
N ILE A 155 5.43 -17.62 -4.97
CA ILE A 155 6.12 -17.84 -6.25
C ILE A 155 6.10 -19.32 -6.60
N ARG A 156 6.07 -20.20 -5.60
CA ARG A 156 5.93 -21.62 -5.85
C ARG A 156 4.51 -21.96 -6.35
N HIS A 157 3.53 -21.19 -5.89
CA HIS A 157 2.15 -21.34 -6.38
C HIS A 157 2.09 -21.17 -7.89
N LEU A 158 2.94 -20.29 -8.41
CA LEU A 158 2.95 -20.03 -9.84
C LEU A 158 3.86 -20.98 -10.57
N TYR A 159 5.07 -21.18 -10.06
CA TYR A 159 6.09 -21.86 -10.86
C TYR A 159 6.48 -23.25 -10.36
N GLY A 160 5.90 -23.70 -9.25
CA GLY A 160 6.09 -25.06 -8.78
C GLY A 160 6.98 -25.15 -7.55
N GLY B 3 -19.83 -16.08 3.20
CA GLY B 3 -19.85 -14.77 2.57
C GLY B 3 -18.63 -13.94 2.94
N ASP B 4 -18.81 -12.62 2.97
CA ASP B 4 -17.72 -11.72 3.34
C ASP B 4 -18.11 -10.85 4.53
N LEU B 5 -17.11 -10.44 5.31
CA LEU B 5 -17.34 -9.78 6.59
C LEU B 5 -18.04 -8.43 6.48
N LYS B 6 -19.16 -8.29 7.18
N LYS B 6 -19.16 -8.32 7.18
CA LYS B 6 -19.86 -7.02 7.23
CA LYS B 6 -19.96 -7.09 7.19
C LYS B 6 -20.70 -6.95 8.49
C LYS B 6 -20.66 -6.95 8.54
N TRP B 7 -21.16 -5.75 8.81
CA TRP B 7 -21.95 -5.53 10.02
C TRP B 7 -23.33 -6.14 9.80
N HIS B 8 -23.88 -6.78 10.83
CA HIS B 8 -25.21 -7.36 10.70
C HIS B 8 -26.21 -6.62 11.58
N HIS B 9 -25.96 -5.32 11.72
CA HIS B 9 -26.96 -4.37 12.18
C HIS B 9 -26.63 -3.04 11.53
N HIS B 10 -27.58 -2.12 11.50
CA HIS B 10 -27.46 -0.90 10.73
C HIS B 10 -27.10 0.32 11.57
N ASN B 11 -27.37 0.29 12.87
N ASN B 11 -27.43 0.27 12.86
CA ASN B 11 -27.08 1.44 13.71
CA ASN B 11 -27.08 1.34 13.79
C ASN B 11 -25.74 1.32 14.43
C ASN B 11 -25.69 1.12 14.37
N ILE B 12 -24.68 1.67 13.70
CA ILE B 12 -23.30 1.49 14.13
C ILE B 12 -22.87 2.53 15.16
N THR B 13 -22.24 2.06 16.22
CA THR B 13 -21.74 2.96 17.24
C THR B 13 -20.24 3.08 17.17
N TYR B 14 -19.76 4.28 17.51
CA TYR B 14 -18.32 4.47 17.62
C TYR B 14 -17.96 5.22 18.88
N TRP B 15 -16.73 4.96 19.35
CA TRP B 15 -16.18 5.56 20.57
C TRP B 15 -14.81 6.12 20.27
N ILE B 16 -14.61 7.42 20.47
CA ILE B 16 -13.29 7.99 20.33
C ILE B 16 -12.61 7.78 21.67
N GLN B 17 -11.77 6.75 21.75
CA GLN B 17 -11.28 6.33 23.06
C GLN B 17 -10.22 7.28 23.59
N ASN B 18 -9.44 7.87 22.69
CA ASN B 18 -8.46 8.85 23.11
C ASN B 18 -8.09 9.76 21.96
N TYR B 19 -7.21 10.72 22.24
CA TYR B 19 -6.92 11.80 21.29
C TYR B 19 -5.45 12.00 21.02
N SER B 20 -5.15 12.45 19.81
CA SER B 20 -3.85 13.04 19.53
C SER B 20 -3.84 14.50 19.96
N GLU B 21 -2.66 15.01 20.27
N GLU B 21 -2.66 15.02 20.26
CA GLU B 21 -2.53 16.42 20.66
CA GLU B 21 -2.54 16.42 20.65
C GLU B 21 -2.28 17.30 19.43
C GLU B 21 -2.18 17.28 19.44
N ASP B 22 -2.16 16.66 18.27
CA ASP B 22 -1.84 17.35 17.03
C ASP B 22 -2.92 18.33 16.57
N LEU B 23 -4.16 18.06 16.96
CA LEU B 23 -5.30 18.85 16.55
C LEU B 23 -6.21 19.07 17.76
N PRO B 24 -7.00 20.15 17.76
CA PRO B 24 -7.94 20.35 18.87
C PRO B 24 -8.95 19.19 18.95
N ARG B 25 -9.40 18.87 20.16
CA ARG B 25 -10.33 17.75 20.31
C ARG B 25 -11.58 17.90 19.46
N ALA B 26 -12.16 19.10 19.42
CA ALA B 26 -13.39 19.33 18.66
C ALA B 26 -13.15 19.12 17.18
N VAL B 27 -11.94 19.48 16.73
CA VAL B 27 -11.53 19.33 15.34
C VAL B 27 -11.41 17.85 15.01
N ILE B 28 -10.84 17.09 15.93
CA ILE B 28 -10.73 15.66 15.75
C ILE B 28 -12.12 15.02 15.67
N ASP B 29 -13.00 15.32 16.61
CA ASP B 29 -14.37 14.79 16.60
C ASP B 29 -15.09 15.06 15.26
N ASP B 30 -14.94 16.27 14.76
CA ASP B 30 -15.61 16.65 13.51
C ASP B 30 -15.00 15.95 12.30
N ALA B 31 -13.69 15.73 12.32
CA ALA B 31 -13.05 15.06 11.20
C ALA B 31 -13.61 13.66 11.07
N PHE B 32 -13.69 12.98 12.19
CA PHE B 32 -14.29 11.64 12.25
C PHE B 32 -15.77 11.66 11.86
N ALA B 33 -16.53 12.65 12.36
CA ALA B 33 -17.93 12.74 11.98
C ALA B 33 -18.06 12.94 10.48
N ARG B 34 -17.16 13.72 9.89
CA ARG B 34 -17.28 13.96 8.45
C ARG B 34 -16.97 12.70 7.68
N ALA B 35 -15.99 11.92 8.14
CA ALA B 35 -15.56 10.70 7.48
C ALA B 35 -16.68 9.65 7.51
N PHE B 36 -17.35 9.57 8.65
CA PHE B 36 -18.52 8.69 8.73
C PHE B 36 -19.66 9.19 7.86
N ALA B 37 -19.82 10.50 7.73
CA ALA B 37 -20.93 11.02 6.93
C ALA B 37 -20.77 10.62 5.47
N LEU B 38 -19.52 10.47 5.03
CA LEU B 38 -19.23 9.89 3.70
C LEU B 38 -19.91 8.54 3.49
N TRP B 39 -19.82 7.69 4.49
CA TRP B 39 -20.27 6.33 4.33
C TRP B 39 -21.77 6.20 4.61
N SER B 40 -22.29 7.01 5.53
N SER B 40 -22.23 7.03 5.55
CA SER B 40 -23.70 6.88 5.86
CA SER B 40 -23.63 7.09 5.92
C SER B 40 -24.61 7.34 4.71
C SER B 40 -24.51 7.27 4.68
N ALA B 41 -24.12 8.21 3.84
CA ALA B 41 -24.96 8.70 2.76
C ALA B 41 -25.21 7.63 1.71
N VAL B 42 -24.26 6.69 1.58
CA VAL B 42 -24.30 5.71 0.51
C VAL B 42 -24.65 4.29 1.01
N THR B 43 -25.05 4.17 2.28
CA THR B 43 -25.42 2.89 2.88
C THR B 43 -26.69 3.02 3.71
N PRO B 44 -27.28 1.87 4.12
CA PRO B 44 -28.34 1.99 5.12
C PRO B 44 -27.79 2.13 6.56
N LEU B 45 -26.50 2.39 6.70
CA LEU B 45 -25.93 2.49 8.05
C LEU B 45 -26.08 3.87 8.68
N THR B 46 -26.19 3.90 10.01
CA THR B 46 -26.05 5.17 10.73
C THR B 46 -24.85 5.06 11.67
N PHE B 47 -24.22 6.19 11.95
CA PHE B 47 -23.11 6.20 12.92
C PHE B 47 -23.42 7.12 14.10
N THR B 48 -23.40 6.53 15.31
CA THR B 48 -23.71 7.27 16.53
C THR B 48 -22.55 7.30 17.49
N ARG B 49 -22.11 8.48 17.89
CA ARG B 49 -21.04 8.57 18.87
C ARG B 49 -21.54 8.14 20.24
N VAL B 50 -20.84 7.18 20.84
CA VAL B 50 -21.13 6.74 22.21
C VAL B 50 -19.85 6.81 23.01
N TYR B 51 -19.95 6.52 24.30
CA TYR B 51 -18.80 6.62 25.18
C TYR B 51 -18.66 5.34 25.97
N SER B 52 -18.20 4.30 25.28
CA SER B 52 -18.26 2.95 25.80
C SER B 52 -17.37 1.99 25.02
N ARG B 53 -16.71 1.08 25.73
CA ARG B 53 -15.91 0.02 25.13
C ARG B 53 -16.75 -1.00 24.35
N ASP B 54 -18.07 -0.89 24.44
CA ASP B 54 -18.94 -1.81 23.72
C ASP B 54 -19.28 -1.30 22.32
N ALA B 55 -18.72 -0.14 21.97
CA ALA B 55 -18.98 0.46 20.66
C ALA B 55 -18.51 -0.45 19.55
N ASP B 56 -19.22 -0.47 18.43
CA ASP B 56 -18.79 -1.30 17.30
C ASP B 56 -17.41 -0.90 16.79
N ILE B 57 -17.24 0.40 16.53
CA ILE B 57 -15.98 0.93 16.01
C ILE B 57 -15.31 1.77 17.10
N VAL B 58 -14.31 1.18 17.76
CA VAL B 58 -13.49 1.90 18.72
C VAL B 58 -12.31 2.54 18.00
N ILE B 59 -12.20 3.85 18.17
CA ILE B 59 -11.14 4.63 17.55
C ILE B 59 -10.05 4.95 18.55
N GLN B 60 -8.80 4.74 18.17
N GLN B 60 -8.81 4.64 18.22
CA GLN B 60 -7.68 4.87 19.09
CA GLN B 60 -7.69 4.93 19.11
C GLN B 60 -6.45 5.50 18.44
C GLN B 60 -6.56 5.64 18.38
N PHE B 61 -5.82 6.46 19.13
CA PHE B 61 -4.52 6.98 18.70
C PHE B 61 -3.49 6.20 19.52
N GLY B 62 -2.50 5.60 18.86
CA GLY B 62 -1.49 4.89 19.62
C GLY B 62 -0.13 5.01 18.98
N VAL B 63 0.88 4.49 19.68
CA VAL B 63 2.22 4.42 19.13
C VAL B 63 2.82 3.05 19.42
N ALA B 64 3.71 2.60 18.53
CA ALA B 64 4.42 1.34 18.68
C ALA B 64 3.42 0.22 18.94
N GLU B 65 3.72 -0.64 19.91
CA GLU B 65 2.73 -1.61 20.39
C GLU B 65 1.67 -0.86 21.20
N HIS B 66 0.41 -1.06 20.81
CA HIS B 66 -0.69 -0.34 21.44
C HIS B 66 -1.85 -1.26 21.77
N GLY B 67 -1.55 -2.50 22.12
CA GLY B 67 -2.52 -3.37 22.75
C GLY B 67 -3.33 -4.29 21.86
N ASP B 68 -2.98 -4.38 20.57
CA ASP B 68 -3.65 -5.36 19.70
C ASP B 68 -2.65 -6.31 19.02
N GLY B 69 -1.37 -6.17 19.36
CA GLY B 69 -0.36 -7.06 18.82
C GLY B 69 0.01 -6.74 17.38
N TYR B 70 -0.55 -5.64 16.87
CA TYR B 70 -0.22 -5.15 15.55
C TYR B 70 0.39 -3.78 15.70
N PRO B 71 1.68 -3.73 16.06
CA PRO B 71 2.32 -2.48 16.48
C PRO B 71 2.59 -1.53 15.33
N PHE B 72 2.52 -0.24 15.65
CA PHE B 72 2.94 0.79 14.72
C PHE B 72 4.45 0.91 14.76
N ASP B 73 4.99 1.83 13.96
CA ASP B 73 6.40 1.77 13.58
C ASP B 73 7.10 3.13 13.60
N GLY B 74 6.58 4.06 14.37
CA GLY B 74 7.17 5.39 14.46
C GLY B 74 6.84 6.22 13.23
N LYS B 75 7.58 7.31 13.04
CA LYS B 75 7.33 8.19 11.92
C LYS B 75 7.59 7.48 10.59
N ASP B 76 6.69 7.72 9.64
CA ASP B 76 6.62 7.11 8.31
C ASP B 76 6.10 5.68 8.40
N GLY B 77 6.22 4.92 7.32
CA GLY B 77 5.69 3.57 7.33
C GLY B 77 4.18 3.58 7.48
N LEU B 78 3.69 2.76 8.40
CA LEU B 78 2.24 2.68 8.68
C LEU B 78 1.69 4.01 9.16
N LEU B 79 0.50 4.36 8.67
CA LEU B 79 -0.20 5.59 9.09
C LEU B 79 -1.33 5.29 10.08
N ALA B 80 -2.04 4.20 9.80
CA ALA B 80 -3.27 3.85 10.48
C ALA B 80 -3.67 2.47 10.01
N HIS B 81 -4.47 1.77 10.81
CA HIS B 81 -5.03 0.52 10.31
C HIS B 81 -6.38 0.25 10.93
N ALA B 82 -7.13 -0.66 10.32
CA ALA B 82 -8.48 -0.93 10.77
C ALA B 82 -8.87 -2.39 10.51
N PHE B 83 -9.79 -2.90 11.31
CA PHE B 83 -10.19 -4.30 11.23
C PHE B 83 -11.60 -4.39 10.66
N PRO B 84 -11.87 -5.44 9.87
CA PRO B 84 -13.17 -5.57 9.23
C PRO B 84 -14.23 -5.89 10.28
N PRO B 85 -15.52 -5.74 9.93
CA PRO B 85 -16.61 -5.98 10.87
C PRO B 85 -16.53 -7.29 11.62
N GLY B 86 -16.96 -7.23 12.88
CA GLY B 86 -17.04 -8.41 13.73
C GLY B 86 -16.89 -7.94 15.17
N PRO B 87 -16.77 -8.90 16.09
CA PRO B 87 -16.72 -8.55 17.51
C PRO B 87 -15.36 -8.06 17.98
N GLY B 88 -15.34 -7.27 19.06
CA GLY B 88 -14.09 -6.97 19.73
C GLY B 88 -13.22 -6.05 18.90
N ILE B 89 -11.97 -6.46 18.73
CA ILE B 89 -11.01 -5.74 17.88
C ILE B 89 -11.56 -5.54 16.46
N GLN B 90 -12.43 -6.42 16.00
CA GLN B 90 -12.94 -6.29 14.63
C GLN B 90 -13.74 -5.00 14.54
N GLY B 91 -13.61 -4.29 13.43
CA GLY B 91 -14.31 -3.02 13.30
C GLY B 91 -13.58 -1.80 13.84
N ASP B 92 -12.50 -1.99 14.59
CA ASP B 92 -11.86 -0.86 15.23
C ASP B 92 -10.87 -0.18 14.30
N ALA B 93 -10.59 1.10 14.57
CA ALA B 93 -9.71 1.87 13.71
C ALA B 93 -8.66 2.55 14.54
N HIS B 94 -7.39 2.33 14.19
CA HIS B 94 -6.27 2.88 14.96
C HIS B 94 -5.38 3.79 14.12
N PHE B 95 -4.90 4.85 14.74
CA PHE B 95 -4.15 5.87 14.03
C PHE B 95 -2.83 6.01 14.73
N ASP B 96 -1.75 6.05 13.95
CA ASP B 96 -0.39 6.13 14.48
C ASP B 96 -0.08 7.57 14.92
N ASP B 97 0.08 7.81 16.22
CA ASP B 97 0.24 9.19 16.65
C ASP B 97 1.71 9.60 16.59
N ASP B 98 2.56 8.71 16.08
CA ASP B 98 3.91 9.12 15.72
C ASP B 98 3.90 9.80 14.34
N GLU B 99 2.76 9.75 13.66
CA GLU B 99 2.52 10.59 12.50
C GLU B 99 1.93 11.92 12.96
N LEU B 100 2.11 12.94 12.13
CA LEU B 100 1.53 14.25 12.35
C LEU B 100 0.17 14.33 11.68
N TRP B 101 -0.85 14.50 12.49
CA TRP B 101 -2.23 14.55 12.00
C TRP B 101 -2.62 15.98 11.75
N SER B 102 -3.13 16.23 10.55
CA SER B 102 -3.51 17.60 10.17
C SER B 102 -4.78 17.60 9.35
N LEU B 103 -5.14 18.78 8.85
CA LEU B 103 -6.21 18.92 7.90
C LEU B 103 -5.75 19.98 6.91
N GLY B 104 -6.10 19.84 5.64
CA GLY B 104 -5.65 20.81 4.66
C GLY B 104 -4.24 20.55 4.15
N LYS B 105 -3.91 21.22 3.05
N LYS B 105 -3.90 21.23 3.06
CA LYS B 105 -2.64 20.98 2.37
CA LYS B 105 -2.65 21.00 2.37
C LYS B 105 -1.46 21.50 3.17
C LYS B 105 -1.46 21.51 3.18
N GLY B 106 -0.40 20.71 3.23
CA GLY B 106 0.77 21.08 3.98
C GLY B 106 1.41 19.88 4.66
N VAL B 107 1.82 20.09 5.91
CA VAL B 107 2.45 19.06 6.69
C VAL B 107 1.42 18.02 7.12
N GLY B 108 1.92 16.82 7.40
CA GLY B 108 1.10 15.78 7.99
C GLY B 108 0.16 15.05 7.07
N TYR B 109 -0.67 14.21 7.69
CA TYR B 109 -1.67 13.43 6.98
C TYR B 109 -3.05 13.90 7.38
N SER B 110 -3.90 14.17 6.39
CA SER B 110 -5.27 14.60 6.68
C SER B 110 -5.97 13.56 7.52
N LEU B 111 -6.35 13.93 8.75
CA LEU B 111 -7.11 13.01 9.58
C LEU B 111 -8.45 12.60 8.93
N PHE B 112 -9.12 13.57 8.33
CA PHE B 112 -10.35 13.30 7.60
C PHE B 112 -10.16 12.23 6.53
N LEU B 113 -9.19 12.43 5.64
CA LEU B 113 -9.08 11.51 4.50
C LEU B 113 -8.61 10.13 4.94
N VAL B 114 -7.66 10.12 5.86
CA VAL B 114 -7.20 8.84 6.38
C VAL B 114 -8.30 8.13 7.14
N ALA B 115 -9.03 8.85 8.00
CA ALA B 115 -10.17 8.21 8.68
C ALA B 115 -11.22 7.71 7.68
N ALA B 116 -11.45 8.45 6.59
CA ALA B 116 -12.43 8.00 5.60
C ALA B 116 -12.00 6.65 5.02
N HIS B 117 -10.71 6.50 4.71
CA HIS B 117 -10.14 5.24 4.23
C HIS B 117 -10.24 4.14 5.28
N GLU B 118 -9.86 4.46 6.53
CA GLU B 118 -9.90 3.46 7.59
C GLU B 118 -11.33 2.98 7.88
N PHE B 119 -12.30 3.90 7.80
CA PHE B 119 -13.66 3.49 8.11
C PHE B 119 -14.21 2.61 6.99
N GLY B 120 -13.70 2.84 5.79
CA GLY B 120 -13.97 1.93 4.70
C GLY B 120 -13.61 0.52 5.12
N HIS B 121 -12.39 0.34 5.61
CA HIS B 121 -11.95 -0.97 6.08
C HIS B 121 -12.85 -1.49 7.19
N ALA B 122 -13.15 -0.63 8.15
CA ALA B 122 -13.96 -1.00 9.31
C ALA B 122 -15.39 -1.40 8.92
N LEU B 123 -15.78 -1.14 7.66
CA LEU B 123 -17.08 -1.53 7.14
C LEU B 123 -16.99 -2.78 6.26
N GLY B 124 -15.77 -3.23 5.99
CA GLY B 124 -15.56 -4.47 5.26
C GLY B 124 -14.88 -4.35 3.91
N LEU B 125 -14.48 -3.14 3.52
CA LEU B 125 -13.80 -2.96 2.24
C LEU B 125 -12.33 -3.28 2.31
N ASP B 126 -11.83 -3.92 1.25
CA ASP B 126 -10.40 -4.09 1.09
C ASP B 126 -9.88 -2.98 0.21
N HIS B 127 -8.59 -3.05 -0.09
CA HIS B 127 -7.98 -2.06 -0.94
C HIS B 127 -8.48 -2.21 -2.37
N SER B 128 -8.60 -1.08 -3.05
CA SER B 128 -8.98 -1.05 -4.45
C SER B 128 -7.77 -0.98 -5.37
N SER B 129 -7.94 -1.50 -6.59
CA SER B 129 -6.91 -1.39 -7.62
C SER B 129 -7.10 -0.12 -8.48
N VAL B 130 -8.16 0.64 -8.19
CA VAL B 130 -8.43 1.90 -8.89
C VAL B 130 -7.72 3.07 -8.20
N PRO B 131 -6.67 3.62 -8.83
CA PRO B 131 -5.86 4.68 -8.22
C PRO B 131 -6.65 5.92 -7.80
N GLU B 132 -7.83 6.12 -8.40
CA GLU B 132 -8.64 7.27 -8.06
C GLU B 132 -9.52 7.00 -6.83
N ALA B 133 -9.55 5.76 -6.36
CA ALA B 133 -10.46 5.39 -5.29
C ALA B 133 -9.93 5.66 -3.90
N LEU B 134 -10.85 6.01 -2.99
CA LEU B 134 -10.52 6.21 -1.57
C LEU B 134 -9.82 4.98 -0.98
N MET B 135 -10.24 3.80 -1.41
CA MET B 135 -9.66 2.58 -0.86
C MET B 135 -8.35 2.17 -1.55
N TYR B 136 -7.92 2.92 -2.57
CA TYR B 136 -6.54 2.76 -3.09
C TYR B 136 -5.52 2.94 -1.97
N PRO B 137 -4.53 2.04 -1.88
CA PRO B 137 -3.60 2.05 -0.75
C PRO B 137 -2.45 3.05 -0.91
N MET B 138 -2.77 4.24 -1.40
N MET B 138 -2.73 4.24 -1.43
CA MET B 138 -1.84 5.36 -1.48
CA MET B 138 -1.74 5.32 -1.36
C MET B 138 -2.46 6.62 -0.88
C MET B 138 -2.38 6.62 -0.93
N TYR B 139 -1.87 7.16 0.18
CA TYR B 139 -2.33 8.44 0.69
C TYR B 139 -1.94 9.55 -0.27
N ARG B 140 -2.91 10.39 -0.62
N ARG B 140 -2.91 10.39 -0.61
CA ARG B 140 -2.66 11.61 -1.37
CA ARG B 140 -2.66 11.61 -1.36
C ARG B 140 -3.66 12.67 -0.95
C ARG B 140 -3.66 12.66 -0.94
N PHE B 141 -3.18 13.87 -0.65
CA PHE B 141 -4.07 14.92 -0.21
C PHE B 141 -4.92 15.40 -1.37
N THR B 142 -6.21 15.59 -1.11
CA THR B 142 -7.11 16.12 -2.12
C THR B 142 -8.13 17.02 -1.44
N GLU B 143 -8.57 18.03 -2.20
CA GLU B 143 -9.69 18.89 -1.82
C GLU B 143 -11.01 18.32 -2.34
N GLY B 144 -10.91 17.41 -3.31
CA GLY B 144 -12.05 16.89 -4.04
C GLY B 144 -12.86 15.84 -3.28
N PRO B 145 -14.05 15.50 -3.80
CA PRO B 145 -14.89 14.50 -3.14
C PRO B 145 -14.15 13.17 -3.06
N PRO B 146 -14.03 12.61 -1.86
CA PRO B 146 -13.22 11.39 -1.68
C PRO B 146 -13.77 10.13 -2.34
N LEU B 147 -15.08 9.92 -2.36
CA LEU B 147 -15.57 8.63 -2.85
C LEU B 147 -15.55 8.48 -4.35
N HIS B 148 -15.17 7.29 -4.82
CA HIS B 148 -15.13 6.97 -6.23
C HIS B 148 -16.19 5.93 -6.52
N LYS B 149 -16.55 5.78 -7.80
CA LYS B 149 -17.41 4.68 -8.22
C LYS B 149 -17.06 3.36 -7.56
N ASP B 150 -15.77 3.05 -7.54
CA ASP B 150 -15.31 1.74 -7.10
C ASP B 150 -15.64 1.55 -5.62
N ASP B 151 -15.48 2.61 -4.85
CA ASP B 151 -15.79 2.57 -3.41
C ASP B 151 -17.27 2.32 -3.16
N VAL B 152 -18.11 3.00 -3.93
CA VAL B 152 -19.56 2.88 -3.75
C VAL B 152 -19.98 1.50 -4.27
N ASN B 153 -19.40 1.05 -5.37
CA ASN B 153 -19.70 -0.29 -5.86
C ASN B 153 -19.44 -1.33 -4.77
N GLY B 154 -18.27 -1.21 -4.14
CA GLY B 154 -17.85 -2.12 -3.10
C GLY B 154 -18.77 -2.08 -1.89
N ILE B 155 -19.12 -0.87 -1.46
CA ILE B 155 -19.93 -0.74 -0.25
C ILE B 155 -21.38 -1.16 -0.52
N ARG B 156 -21.88 -0.96 -1.74
CA ARG B 156 -23.21 -1.47 -2.09
C ARG B 156 -23.23 -3.00 -2.16
N HIS B 157 -22.11 -3.60 -2.57
CA HIS B 157 -21.96 -5.06 -2.54
C HIS B 157 -22.18 -5.63 -1.13
N LEU B 158 -21.65 -4.94 -0.14
CA LEU B 158 -21.84 -5.37 1.24
C LEU B 158 -23.17 -4.95 1.86
N TYR B 159 -23.70 -3.75 1.55
CA TYR B 159 -24.84 -3.24 2.32
C TYR B 159 -26.09 -2.85 1.53
N GLY B 160 -25.99 -2.85 0.20
CA GLY B 160 -27.04 -2.35 -0.66
C GLY B 160 -27.98 -3.43 -1.16
O13 E40 C . 4.02 3.17 -3.68
S13 E40 C . 4.25 2.17 -4.72
O14 E40 C . 4.92 2.78 -5.86
C28 E40 C . 5.29 0.94 -3.91
C14 E40 C . 5.07 0.64 -2.57
C17 E40 C . 5.89 -0.27 -1.91
C16 E40 C . 6.92 -0.88 -2.60
C21 E40 C . 7.86 -1.81 -1.85
C26 E40 C . 7.31 -2.79 -0.82
C25 E40 C . 8.12 -3.55 -0.14
C24 E40 C . 9.62 -3.41 -0.35
O24 E40 C . 10.49 -4.21 0.39
C61 E40 C . 10.01 -4.82 1.54
C23 E40 C . 10.11 -2.54 -1.21
C30 E40 C . 9.16 -1.65 -2.00
C15 E40 C . 7.15 -0.58 -3.93
C29 E40 C . 6.33 0.33 -4.57
N12 E40 C . 2.75 1.54 -5.24
O15 E40 C . 2.12 0.80 -4.25
C67 E40 C . 1.24 1.45 -3.36
C69 E40 C . 0.72 0.43 -2.38
C68 E40 C . 0.04 2.05 -4.11
C31 E40 C . 2.84 0.81 -6.50
C11 E40 C . 3.44 -0.60 -6.34
O2 E40 C . 2.87 -1.44 -5.73
N2 E40 C . 4.63 -0.96 -7.08
O7 E40 C . 5.15 -2.23 -6.87
C32 E40 C . 1.42 0.72 -7.00
C33 E40 C . 1.45 0.22 -8.43
N48 E40 C . 1.28 -1.22 -8.49
C52 E40 C . 2.03 -2.13 -9.32
O54 E40 C . 2.97 -1.85 -10.01
C49 E40 C . 0.24 -2.00 -7.87
O53 E40 C . -0.60 -1.62 -7.11
C50 E40 C . 0.38 -3.43 -8.32
C51 E40 C . 1.41 -3.50 -9.17
C55 E40 C . -0.44 -4.67 -7.97
C56 E40 C . -0.12 -5.82 -8.52
C57 E40 C . 1.06 -5.89 -9.48
C58 E40 C . 1.77 -4.84 -9.79
ZN ZN D . 3.87 -3.28 -5.50
ZN ZN E . 5.39 3.03 -16.33
CA CA F . 7.74 -7.04 -21.40
CA CA G . 15.98 10.30 -9.02
CA CA H . 6.73 9.50 -6.96
C1 EDO I . 15.40 13.81 -12.53
O1 EDO I . 14.52 12.79 -13.02
C2 EDO I . 15.47 13.75 -11.01
O2 EDO I . 14.20 14.14 -10.46
C1 PGO J . 10.53 -4.77 5.06
C2 PGO J . 10.42 -5.17 6.52
C3 PGO J . 11.19 -4.21 7.41
O1 PGO J . 11.81 -4.16 4.80
O2 PGO J . 10.93 -6.51 6.70
C1 PGO K . 10.40 19.12 -10.50
C2 PGO K . 9.49 17.97 -10.07
C3 PGO K . 8.37 18.49 -9.16
O1 PGO K . 11.54 18.59 -11.18
O2 PGO K . 10.25 16.98 -9.41
C1 PEG L . 8.38 7.89 -26.28
O1 PEG L . 9.07 7.85 -25.03
C2 PEG L . 9.33 7.50 -27.40
O2 PEG L . 10.44 8.39 -27.37
C3 PEG L . 11.57 7.87 -28.08
C4 PEG L . 12.73 7.73 -27.12
O4 PEG L . 13.01 6.35 -26.89
C1 PEG M . 10.23 18.79 -16.02
O1 PEG M . 10.49 19.81 -15.05
C2 PEG M . 11.56 18.20 -16.49
O2 PEG M . 11.40 16.82 -16.81
C3 PEG M . 12.64 16.12 -16.80
C4 PEG M . 12.48 14.77 -17.49
O4 PEG M . 13.54 13.89 -17.10
O13 E40 N . 0.42 2.81 4.92
S13 E40 N . -0.87 2.39 5.46
O14 E40 N . -0.93 2.63 6.90
C28 E40 N . -2.13 3.38 4.63
C14 E40 N . -1.99 3.70 3.28
C17 E40 N . -2.90 4.53 2.67
C16 E40 N . -3.97 5.04 3.38
C21 E40 N . -4.91 5.99 2.67
C26 E40 N . -5.19 5.80 1.19
C25 E40 N . -5.97 6.65 0.55
C24 E40 N . -6.55 7.84 1.30
O24 E40 N . -7.34 8.75 0.62
C61 E40 N . -7.41 8.66 -0.78
C23 E40 N . -6.28 8.02 2.58
C30 E40 N . -5.38 7.04 3.32
C15 E40 N . -4.12 4.73 4.72
C29 E40 N . -3.19 3.91 5.34
N12 E40 N . -1.05 0.72 5.17
O15 E40 N . -1.18 0.40 3.82
C67 E40 N . -0.01 0.08 3.11
C69 E40 N . 0.48 -1.32 3.50
C68 E40 N . -0.33 0.15 1.62
C31 E40 N . -2.10 0.13 5.98
C11 E40 N . -3.52 0.45 5.52
O2 E40 N . -4.05 0.02 4.54
N2 E40 N . -4.38 1.16 6.42
O7 E40 N . -5.63 1.54 5.91
C32 E40 N . -1.86 -1.37 6.01
C33 E40 N . -2.79 -2.02 7.02
N48 E40 N . -3.99 -2.57 6.41
C52 E40 N . -5.32 -2.45 6.98
O54 E40 N . -5.60 -1.79 7.91
C49 E40 N . -4.13 -3.42 5.26
O53 E40 N . -3.26 -3.74 4.51
C50 E40 N . -5.61 -3.79 5.10
C51 E40 N . -6.28 -3.25 6.10
C55 E40 N . -6.34 -4.64 4.08
C56 E40 N . -7.65 -4.83 4.19
C57 E40 N . -8.42 -4.19 5.34
C58 E40 N . -7.78 -3.45 6.23
ZN ZN O . -5.86 0.69 3.95
ZN ZN P . -3.89 -1.28 16.24
CA CA Q . -15.07 -3.31 17.42
CA CA R . 1.18 12.72 16.21
CA CA S . 4.17 5.18 11.24
C1 EDO T . -22.01 8.29 30.70
O1 EDO T . -22.12 7.49 31.89
C2 EDO T . -21.27 7.49 29.63
O2 EDO T . -20.02 7.04 30.16
N1 AZI U . -10.42 -14.21 2.20
N2 AZI U . -9.29 -14.43 2.06
N3 AZI U . -8.15 -14.64 1.92
NA NA V . -21.24 2.15 31.61
NA NA W . -28.65 17.06 15.52
NA NA X . -8.28 -8.20 -3.42
NA NA Y . -19.86 14.64 19.27
NA NA Z . -10.08 -3.50 -10.45
NA NA AA . -29.58 -5.88 -1.76
NA NA BA . -25.84 20.38 12.65
C1 GOL CA . -15.69 11.05 -7.51
O1 GOL CA . -16.04 10.34 -8.67
C2 GOL CA . -14.23 10.89 -7.06
O2 GOL CA . -13.79 12.03 -6.37
C3 GOL CA . -13.22 10.44 -8.11
O3 GOL CA . -11.99 10.22 -7.45
C1 PEG DA . -25.92 18.71 17.88
O1 PEG DA . -25.35 17.95 16.80
C2 PEG DA . -24.91 18.82 19.01
O2 PEG DA . -24.97 17.64 19.78
C3 PEG DA . -23.81 17.43 20.57
C4 PEG DA . -23.95 16.07 21.25
O4 PEG DA . -22.77 15.78 22.00
C1 PEG EA . -3.07 -12.05 17.50
O1 PEG EA . -4.12 -11.25 18.06
C2 PEG EA . -1.84 -11.18 17.27
O2 PEG EA . -0.97 -11.23 18.39
C3 PEG EA . 0.40 -11.07 18.01
C4 PEG EA . 1.29 -11.66 19.09
O4 PEG EA . 2.65 -11.65 18.63
#